data_1DIB
#
_entry.id   1DIB
#
_cell.length_a   67.490
_cell.length_b   136.370
_cell.length_c   61.380
_cell.angle_alpha   90.00
_cell.angle_beta   90.00
_cell.angle_gamma   90.00
#
_symmetry.space_group_name_H-M   'P 21 21 21'
#
loop_
_entity.id
_entity.type
_entity.pdbx_description
1 polymer 'METHYLENETETRAHYDROFOLATE DEHYDROGENASE/CYCLOHYDROLASE'
2 non-polymer 'NADP NICOTINAMIDE-ADENINE-DINUCLEOTIDE PHOSPHATE'
3 non-polymer '4-(7-AMINO-9-HYDROXY-1-OXO-3,3A,4,5-TETRAHYDRO-2,5,6,8,9B-PENTAAZA-CYCLOPENTA[A]NAPHTHALEN-2-YL)-PHENYLCARBONYL-GLUTAMI C ACID'
4 water water
#
_entity_poly.entity_id   1
_entity_poly.type   'polypeptide(L)'
_entity_poly.pdbx_seq_one_letter_code
;MAPAEILNGKEISAQIRARLKNQVTQLKEQVPGFTPRLAILQVGNRDDSNLYINVKLKAAEEIGIKATHIKLPRTTTESE
VMKYITSLNEDSTVHGFLVQLPLDSENSINTEEVINAIAPEKDVDGLTSINAGRLARGDLNDCFIPCTPKGCLELIKETG
VPIAGRHAVVVGRSKIVGAPMHDLLLWNNATVTTCHSKTAHLDEEVNKGDILVVATGQPEMVKGEWIKPGAIVIDCGINY
VPDDKKPNGRKVVGDVAYDEAKERASFITPVPGGVGPMTVAMLMQSTVESAKRFLEKFKPGKWMIQ
;
_entity_poly.pdbx_strand_id   A,B
#
# COMPACT_ATOMS: atom_id res chain seq x y z
N ALA A 2 21.52 -2.84 33.07
CA ALA A 2 20.43 -3.85 33.19
C ALA A 2 19.23 -3.55 32.28
N PRO A 3 18.82 -2.27 32.20
CA PRO A 3 17.68 -1.95 31.34
C PRO A 3 18.08 -1.59 29.90
N ALA A 4 17.07 -1.46 29.04
CA ALA A 4 17.25 -1.13 27.64
C ALA A 4 17.72 0.30 27.43
N GLU A 5 18.64 0.50 26.48
CA GLU A 5 19.14 1.84 26.17
C GLU A 5 17.97 2.69 25.72
N ILE A 6 17.87 3.91 26.24
CA ILE A 6 16.78 4.82 25.91
C ILE A 6 17.05 5.60 24.61
N LEU A 7 16.09 5.58 23.70
CA LEU A 7 16.19 6.32 22.45
C LEU A 7 15.59 7.70 22.71
N ASN A 8 16.47 8.65 23.02
CA ASN A 8 16.07 10.02 23.32
C ASN A 8 15.63 10.82 22.10
N GLY A 9 14.33 10.79 21.83
CA GLY A 9 13.80 11.50 20.69
C GLY A 9 13.96 12.99 20.81
N LYS A 10 13.98 13.51 22.04
CA LYS A 10 14.16 14.94 22.21
C LYS A 10 15.57 15.41 21.84
N GLU A 11 16.60 14.64 22.21
CA GLU A 11 17.98 15.00 21.87
C GLU A 11 18.23 14.78 20.40
N ILE A 12 17.80 13.62 19.90
CA ILE A 12 17.97 13.25 18.52
C ILE A 12 17.26 14.22 17.60
N SER A 13 16.07 14.65 17.98
CA SER A 13 15.31 15.60 17.16
C SER A 13 16.01 16.96 17.18
N ALA A 14 16.60 17.29 18.32
CA ALA A 14 17.29 18.55 18.50
C ALA A 14 18.41 18.66 17.48
N GLN A 15 19.10 17.54 17.24
CA GLN A 15 20.20 17.49 16.28
C GLN A 15 19.74 17.66 14.85
N ILE A 16 18.64 17.01 14.49
CA ILE A 16 18.11 17.11 13.14
C ILE A 16 17.67 18.55 12.90
N ARG A 17 17.00 19.12 13.88
CA ARG A 17 16.51 20.50 13.76
C ARG A 17 17.64 21.52 13.58
N ALA A 18 18.77 21.28 14.25
CA ALA A 18 19.93 22.18 14.13
C ALA A 18 20.54 21.98 12.74
N ARG A 19 20.45 20.75 12.23
CA ARG A 19 20.98 20.45 10.91
C ARG A 19 20.13 21.21 9.91
N LEU A 20 18.81 21.10 10.05
CA LEU A 20 17.87 21.76 9.17
C LEU A 20 18.02 23.27 9.17
N LYS A 21 18.26 23.84 10.35
CA LYS A 21 18.42 25.28 10.50
C LYS A 21 19.56 25.81 9.64
N ASN A 22 20.73 25.21 9.79
CA ASN A 22 21.89 25.61 9.01
C ASN A 22 21.63 25.40 7.52
N GLN A 23 20.88 24.35 7.18
CA GLN A 23 20.55 24.07 5.78
C GLN A 23 19.70 25.21 5.22
N VAL A 24 18.76 25.68 6.03
CA VAL A 24 17.87 26.77 5.64
C VAL A 24 18.64 28.08 5.53
N THR A 25 19.55 28.32 6.48
CA THR A 25 20.37 29.52 6.48
C THR A 25 21.22 29.54 5.21
N GLN A 26 21.78 28.39 4.87
CA GLN A 26 22.64 28.20 3.71
C GLN A 26 21.88 28.49 2.44
N LEU A 27 20.62 28.05 2.41
CA LEU A 27 19.76 28.22 1.25
C LEU A 27 19.36 29.68 1.03
N LYS A 28 19.12 30.39 2.13
CA LYS A 28 18.76 31.80 2.05
C LYS A 28 19.97 32.63 1.62
N GLU A 29 21.17 32.14 1.94
CA GLU A 29 22.41 32.81 1.57
C GLU A 29 22.68 32.63 0.09
N GLN A 30 22.21 31.51 -0.46
CA GLN A 30 22.36 31.21 -1.88
C GLN A 30 21.35 32.02 -2.70
N VAL A 31 20.12 32.09 -2.21
CA VAL A 31 19.04 32.81 -2.87
C VAL A 31 18.43 33.76 -1.83
N PRO A 32 19.04 34.95 -1.63
CA PRO A 32 18.52 35.93 -0.64
C PRO A 32 17.08 36.33 -0.95
N GLY A 33 16.27 36.37 0.10
CA GLY A 33 14.87 36.71 -0.07
C GLY A 33 13.98 35.48 -0.15
N PHE A 34 14.52 34.34 -0.60
CA PHE A 34 13.75 33.10 -0.70
C PHE A 34 13.53 32.58 0.71
N THR A 35 12.29 32.19 1.00
CA THR A 35 11.95 31.68 2.31
C THR A 35 11.06 30.44 2.20
N PRO A 36 11.53 29.30 2.74
CA PRO A 36 10.74 28.06 2.69
C PRO A 36 9.47 28.33 3.49
N ARG A 37 8.32 27.96 2.95
CA ARG A 37 7.07 28.22 3.65
C ARG A 37 6.20 26.99 3.84
N LEU A 38 5.66 26.85 5.06
CA LEU A 38 4.78 25.75 5.44
C LEU A 38 3.48 26.35 5.90
N ALA A 39 2.38 25.66 5.61
CA ALA A 39 1.05 26.13 6.02
C ALA A 39 0.24 24.98 6.62
N ILE A 40 -0.32 25.22 7.81
CA ILE A 40 -1.14 24.23 8.52
C ILE A 40 -2.60 24.65 8.55
N LEU A 41 -3.44 23.86 7.90
CA LEU A 41 -4.86 24.13 7.85
C LEU A 41 -5.52 23.34 8.98
N GLN A 42 -6.29 24.04 9.81
CA GLN A 42 -7.00 23.41 10.92
C GLN A 42 -8.48 23.72 10.82
N VAL A 43 -9.32 22.72 11.10
CA VAL A 43 -10.77 22.90 11.06
C VAL A 43 -11.23 22.63 12.49
N GLY A 44 -11.83 23.62 13.12
CA GLY A 44 -12.28 23.44 14.48
C GLY A 44 -11.39 24.16 15.47
N ASN A 45 -11.38 23.71 16.72
CA ASN A 45 -10.56 24.33 17.75
C ASN A 45 -10.23 23.35 18.90
N ARG A 46 -9.79 22.15 18.57
CA ARG A 46 -9.44 21.15 19.59
C ARG A 46 -8.22 21.62 20.39
N ASP A 47 -8.24 21.40 21.70
CA ASP A 47 -7.13 21.83 22.53
C ASP A 47 -5.84 21.09 22.20
N ASP A 48 -5.90 19.78 22.02
CA ASP A 48 -4.71 19.00 21.70
C ASP A 48 -4.16 19.40 20.34
N SER A 49 -5.03 19.63 19.36
CA SER A 49 -4.62 20.06 18.02
C SER A 49 -3.98 21.44 18.05
N ASN A 50 -4.45 22.30 18.97
CA ASN A 50 -3.90 23.66 19.12
C ASN A 50 -2.48 23.57 19.65
N LEU A 51 -2.28 22.68 20.61
CA LEU A 51 -0.99 22.44 21.22
C LEU A 51 0.00 21.88 20.20
N TYR A 52 -0.42 20.85 19.48
CA TYR A 52 0.39 20.19 18.46
C TYR A 52 0.84 21.13 17.35
N ILE A 53 -0.06 22.03 16.96
CA ILE A 53 0.25 23.00 15.92
C ILE A 53 1.28 24.01 16.45
N ASN A 54 1.07 24.51 17.66
CA ASN A 54 2.03 25.44 18.24
C ASN A 54 3.46 24.86 18.25
N VAL A 55 3.58 23.58 18.61
CA VAL A 55 4.88 22.88 18.61
C VAL A 55 5.48 22.85 17.20
N LYS A 56 4.65 22.58 16.20
CA LYS A 56 5.11 22.56 14.81
C LYS A 56 5.51 23.98 14.39
N LEU A 57 4.72 24.97 14.82
CA LEU A 57 5.01 26.36 14.51
C LEU A 57 6.32 26.80 15.16
N LYS A 58 6.53 26.40 16.41
CA LYS A 58 7.73 26.73 17.17
C LYS A 58 9.01 26.17 16.53
N ALA A 59 8.96 24.92 16.09
CA ALA A 59 10.11 24.27 15.45
C ALA A 59 10.43 24.95 14.13
N ALA A 60 9.38 25.25 13.36
CA ALA A 60 9.52 25.91 12.07
C ALA A 60 10.31 27.19 12.24
N GLU A 61 9.78 28.10 13.05
CA GLU A 61 10.41 29.39 13.34
C GLU A 61 11.89 29.24 13.70
N GLU A 62 12.19 28.32 14.60
CA GLU A 62 13.56 28.08 15.04
C GLU A 62 14.48 27.59 13.92
N ILE A 63 13.90 26.96 12.90
CA ILE A 63 14.66 26.45 11.77
C ILE A 63 14.81 27.51 10.69
N GLY A 64 13.90 28.48 10.70
CA GLY A 64 13.93 29.55 9.71
C GLY A 64 12.84 29.42 8.65
N ILE A 65 11.95 28.45 8.86
CA ILE A 65 10.83 28.19 7.96
C ILE A 65 9.68 29.12 8.34
N LYS A 66 9.01 29.68 7.34
CA LYS A 66 7.87 30.54 7.58
C LYS A 66 6.62 29.67 7.61
N ALA A 67 5.99 29.56 8.78
CA ALA A 67 4.79 28.74 8.92
C ALA A 67 3.52 29.54 9.15
N THR A 68 2.49 29.20 8.37
CA THR A 68 1.20 29.87 8.43
C THR A 68 0.18 28.94 9.07
N HIS A 69 -0.67 29.50 9.91
CA HIS A 69 -1.70 28.72 10.57
C HIS A 69 -3.05 29.33 10.21
N ILE A 70 -3.90 28.51 9.59
CA ILE A 70 -5.24 28.91 9.20
C ILE A 70 -6.20 28.06 9.99
N LYS A 71 -7.02 28.69 10.83
CA LYS A 71 -7.98 27.95 11.64
C LYS A 71 -9.41 28.26 11.23
N LEU A 72 -10.09 27.27 10.65
CA LEU A 72 -11.47 27.42 10.20
C LEU A 72 -12.44 27.02 11.32
N PRO A 73 -13.58 27.70 11.41
CA PRO A 73 -14.60 27.41 12.43
C PRO A 73 -15.21 26.01 12.31
N ARG A 74 -15.89 25.56 13.36
CA ARG A 74 -16.52 24.24 13.39
C ARG A 74 -17.69 24.12 12.41
N THR A 75 -18.25 25.27 12.02
CA THR A 75 -19.36 25.33 11.08
C THR A 75 -18.90 25.09 9.64
N THR A 76 -17.59 24.90 9.44
CA THR A 76 -17.00 24.69 8.12
C THR A 76 -17.51 23.46 7.37
N THR A 77 -17.67 23.60 6.06
CA THR A 77 -18.15 22.51 5.22
C THR A 77 -16.98 21.94 4.43
N GLU A 78 -17.17 20.74 3.87
CA GLU A 78 -16.14 20.12 3.05
C GLU A 78 -15.84 20.99 1.84
N SER A 79 -16.89 21.62 1.31
CA SER A 79 -16.79 22.52 0.16
C SER A 79 -15.89 23.73 0.46
N GLU A 80 -16.04 24.31 1.67
CA GLU A 80 -15.23 25.45 2.08
C GLU A 80 -13.77 25.05 2.29
N VAL A 81 -13.56 23.86 2.85
CA VAL A 81 -12.22 23.34 3.11
C VAL A 81 -11.50 23.11 1.80
N MET A 82 -12.22 22.63 0.79
CA MET A 82 -11.68 22.39 -0.55
C MET A 82 -11.22 23.72 -1.17
N LYS A 83 -11.86 24.81 -0.76
CA LYS A 83 -11.51 26.13 -1.28
C LYS A 83 -10.14 26.58 -0.79
N TYR A 84 -9.87 26.34 0.49
CA TYR A 84 -8.59 26.73 1.06
C TYR A 84 -7.47 25.86 0.52
N ILE A 85 -7.74 24.57 0.38
CA ILE A 85 -6.75 23.63 -0.16
C ILE A 85 -6.30 24.06 -1.56
N THR A 86 -7.28 24.38 -2.39
CA THR A 86 -7.02 24.83 -3.75
C THR A 86 -6.20 26.13 -3.75
N SER A 87 -6.49 27.00 -2.78
CA SER A 87 -5.78 28.28 -2.65
C SER A 87 -4.32 28.01 -2.33
N LEU A 88 -4.10 27.07 -1.40
CA LEU A 88 -2.76 26.68 -0.97
C LEU A 88 -1.98 25.96 -2.06
N ASN A 89 -2.69 25.21 -2.90
CA ASN A 89 -2.05 24.49 -4.00
C ASN A 89 -1.54 25.49 -5.03
N GLU A 90 -2.37 26.50 -5.31
CA GLU A 90 -2.03 27.54 -6.28
C GLU A 90 -1.13 28.67 -5.76
N ASP A 91 -0.96 28.76 -4.43
CA ASP A 91 -0.10 29.78 -3.83
C ASP A 91 1.36 29.34 -3.97
N SER A 92 1.99 29.81 -5.03
CA SER A 92 3.38 29.49 -5.35
C SER A 92 4.39 29.71 -4.22
N THR A 93 4.06 30.59 -3.27
CA THR A 93 4.98 30.85 -2.16
C THR A 93 4.96 29.75 -1.09
N VAL A 94 3.83 29.03 -1.01
CA VAL A 94 3.68 27.92 -0.05
C VAL A 94 4.26 26.65 -0.67
N HIS A 95 5.34 26.14 -0.08
CA HIS A 95 6.01 24.95 -0.57
C HIS A 95 5.36 23.68 -0.06
N GLY A 96 5.08 23.65 1.24
CA GLY A 96 4.46 22.47 1.80
C GLY A 96 3.35 22.83 2.75
N PHE A 97 2.24 22.12 2.69
CA PHE A 97 1.14 22.39 3.61
C PHE A 97 0.45 21.11 4.07
N LEU A 98 -0.27 21.19 5.19
CA LEU A 98 -0.94 20.03 5.73
C LEU A 98 -2.27 20.34 6.38
N VAL A 99 -3.11 19.32 6.52
CA VAL A 99 -4.40 19.47 7.16
C VAL A 99 -4.26 18.73 8.47
N GLN A 100 -4.33 19.48 9.56
CA GLN A 100 -4.23 18.88 10.88
C GLN A 100 -5.41 17.95 11.14
N LEU A 101 -5.15 16.75 11.64
CA LEU A 101 -6.23 15.81 11.92
C LEU A 101 -6.32 15.49 13.40
N PRO A 102 -7.52 15.11 13.87
CA PRO A 102 -8.77 14.96 13.11
C PRO A 102 -9.53 16.28 12.89
N LEU A 103 -10.33 16.36 11.82
CA LEU A 103 -11.10 17.57 11.53
C LEU A 103 -12.17 17.75 12.59
N ASP A 104 -12.33 18.97 13.09
CA ASP A 104 -13.32 19.26 14.12
C ASP A 104 -14.41 20.14 13.52
N SER A 105 -15.46 19.51 12.99
CA SER A 105 -16.56 20.22 12.37
C SER A 105 -17.90 19.57 12.73
N GLU A 106 -18.97 20.36 12.73
CA GLU A 106 -20.30 19.83 13.01
C GLU A 106 -20.89 19.18 11.76
N ASN A 107 -20.24 19.41 10.62
CA ASN A 107 -20.68 18.84 9.36
C ASN A 107 -19.86 17.62 9.02
N SER A 108 -20.40 16.78 8.15
CA SER A 108 -19.71 15.59 7.71
C SER A 108 -18.73 16.02 6.62
N ILE A 109 -17.46 15.71 6.81
CA ILE A 109 -16.43 16.06 5.84
C ILE A 109 -15.67 14.76 5.58
N ASN A 110 -15.48 14.43 4.30
CA ASN A 110 -14.78 13.21 3.94
C ASN A 110 -13.30 13.51 4.01
N THR A 111 -12.63 12.97 5.01
CA THR A 111 -11.20 13.21 5.20
C THR A 111 -10.30 12.80 4.02
N GLU A 112 -10.59 11.67 3.40
CA GLU A 112 -9.78 11.22 2.28
C GLU A 112 -9.88 12.13 1.05
N GLU A 113 -11.06 12.70 0.82
CA GLU A 113 -11.28 13.59 -0.32
C GLU A 113 -10.58 14.92 -0.12
N VAL A 114 -10.62 15.40 1.11
CA VAL A 114 -9.98 16.66 1.50
C VAL A 114 -8.46 16.53 1.41
N ILE A 115 -7.92 15.45 1.99
CA ILE A 115 -6.48 15.19 1.97
C ILE A 115 -5.98 14.95 0.55
N ASN A 116 -6.77 14.21 -0.24
CA ASN A 116 -6.39 13.90 -1.61
C ASN A 116 -6.52 15.05 -2.59
N ALA A 117 -6.99 16.19 -2.10
CA ALA A 117 -7.11 17.35 -2.96
C ALA A 117 -5.78 18.08 -2.93
N ILE A 118 -4.97 17.79 -1.91
CA ILE A 118 -3.64 18.38 -1.74
C ILE A 118 -2.70 17.96 -2.87
N ALA A 119 -1.99 18.92 -3.46
CA ALA A 119 -1.03 18.61 -4.52
C ALA A 119 0.05 17.77 -3.86
N PRO A 120 0.35 16.59 -4.43
CA PRO A 120 1.37 15.70 -3.89
C PRO A 120 2.75 16.34 -3.70
N GLU A 121 3.02 17.39 -4.45
CA GLU A 121 4.31 18.10 -4.34
C GLU A 121 4.42 18.84 -3.02
N LYS A 122 3.28 19.23 -2.46
CA LYS A 122 3.24 19.95 -1.19
C LYS A 122 2.73 19.09 -0.02
N ASP A 123 2.47 17.80 -0.28
CA ASP A 123 1.97 16.89 0.76
C ASP A 123 3.11 16.43 1.66
N VAL A 124 3.66 17.39 2.42
CA VAL A 124 4.77 17.17 3.34
C VAL A 124 4.39 16.18 4.42
N ASP A 125 3.12 15.84 4.46
CA ASP A 125 2.57 14.91 5.42
C ASP A 125 2.39 13.50 4.84
N GLY A 126 2.58 13.38 3.52
CA GLY A 126 2.48 12.09 2.83
C GLY A 126 1.20 11.28 3.01
N LEU A 127 0.08 11.97 3.15
CA LEU A 127 -1.18 11.27 3.35
C LEU A 127 -2.01 11.10 2.11
N THR A 128 -1.58 11.69 1.00
CA THR A 128 -2.31 11.55 -0.25
C THR A 128 -2.17 10.11 -0.75
N SER A 129 -3.14 9.68 -1.55
CA SER A 129 -3.13 8.34 -2.10
C SER A 129 -1.93 8.13 -3.02
N ILE A 130 -1.50 9.20 -3.69
CA ILE A 130 -0.37 9.15 -4.60
C ILE A 130 0.92 8.87 -3.84
N ASN A 131 1.11 9.55 -2.71
CA ASN A 131 2.30 9.31 -1.89
C ASN A 131 2.19 7.96 -1.23
N ALA A 132 1.00 7.64 -0.73
CA ALA A 132 0.72 6.35 -0.09
C ALA A 132 0.94 5.21 -1.08
N GLY A 133 0.50 5.41 -2.32
CA GLY A 133 0.66 4.39 -3.33
C GLY A 133 2.11 4.16 -3.68
N ARG A 134 2.92 5.22 -3.66
CA ARG A 134 4.33 5.11 -3.99
C ARG A 134 5.09 4.36 -2.91
N LEU A 135 4.82 4.70 -1.66
CA LEU A 135 5.45 4.05 -0.53
C LEU A 135 4.97 2.61 -0.44
N ALA A 136 3.68 2.42 -0.68
CA ALA A 136 3.09 1.09 -0.60
C ALA A 136 3.66 0.14 -1.63
N ARG A 137 4.28 0.67 -2.68
CA ARG A 137 4.85 -0.17 -3.74
C ARG A 137 6.36 -0.14 -3.87
N GLY A 138 7.04 0.56 -2.97
CA GLY A 138 8.49 0.60 -3.00
C GLY A 138 9.13 1.73 -3.77
N ASP A 139 8.31 2.67 -4.26
CA ASP A 139 8.78 3.83 -5.01
C ASP A 139 9.10 5.00 -4.06
N LEU A 140 10.24 4.90 -3.37
CA LEU A 140 10.67 5.90 -2.39
C LEU A 140 11.46 7.11 -2.92
N ASN A 141 11.83 7.10 -4.19
CA ASN A 141 12.55 8.24 -4.78
C ASN A 141 11.55 9.37 -4.93
N ASP A 142 10.33 9.00 -5.29
CA ASP A 142 9.25 9.93 -5.58
C ASP A 142 8.35 10.48 -4.49
N CYS A 143 8.43 9.97 -3.25
CA CYS A 143 7.45 10.45 -2.28
C CYS A 143 7.81 11.01 -0.94
N PHE A 144 6.76 11.53 -0.32
CA PHE A 144 6.78 12.08 1.03
C PHE A 144 6.20 10.96 1.87
N ILE A 145 6.93 10.56 2.90
CA ILE A 145 6.51 9.50 3.82
C ILE A 145 5.87 10.17 5.04
N PRO A 146 4.84 9.54 5.64
CA PRO A 146 4.21 10.15 6.82
C PRO A 146 5.25 10.41 7.90
N CYS A 147 5.18 11.60 8.47
CA CYS A 147 6.13 12.05 9.49
C CYS A 147 6.44 11.13 10.67
N THR A 148 5.41 10.53 11.26
CA THR A 148 5.57 9.61 12.39
C THR A 148 6.37 8.36 12.03
N PRO A 149 6.04 7.68 10.91
CA PRO A 149 6.80 6.48 10.53
C PRO A 149 8.27 6.87 10.27
N LYS A 150 8.47 8.01 9.62
CA LYS A 150 9.80 8.54 9.31
C LYS A 150 10.60 8.74 10.58
N GLY A 151 9.97 9.29 11.61
CA GLY A 151 10.64 9.52 12.88
C GLY A 151 11.02 8.21 13.53
N CYS A 152 10.15 7.22 13.37
CA CYS A 152 10.35 5.88 13.92
C CYS A 152 11.51 5.21 13.23
N LEU A 153 11.55 5.28 11.90
CA LEU A 153 12.64 4.68 11.15
C LEU A 153 13.96 5.36 11.51
N GLU A 154 13.89 6.64 11.83
CA GLU A 154 15.07 7.40 12.20
C GLU A 154 15.54 6.93 13.58
N LEU A 155 14.58 6.62 14.44
CA LEU A 155 14.86 6.13 15.80
C LEU A 155 15.44 4.71 15.77
N ILE A 156 14.98 3.89 14.83
CA ILE A 156 15.46 2.52 14.71
C ILE A 156 16.91 2.57 14.26
N LYS A 157 17.19 3.45 13.31
CA LYS A 157 18.54 3.60 12.76
C LYS A 157 19.56 4.09 13.78
N GLU A 158 19.07 4.75 14.83
CA GLU A 158 19.92 5.28 15.88
C GLU A 158 20.47 4.18 16.78
N THR A 159 19.96 2.97 16.60
CA THR A 159 20.43 1.83 17.36
C THR A 159 21.68 1.30 16.69
N GLY A 160 21.82 1.61 15.40
CA GLY A 160 22.98 1.17 14.65
C GLY A 160 22.70 -0.19 14.02
N VAL A 161 21.74 -0.91 14.59
CA VAL A 161 21.35 -2.23 14.11
C VAL A 161 20.67 -2.19 12.71
N PRO A 162 21.19 -2.98 11.74
CA PRO A 162 20.61 -3.01 10.40
C PRO A 162 19.21 -3.58 10.47
N ILE A 163 18.35 -3.14 9.56
CA ILE A 163 16.98 -3.60 9.52
C ILE A 163 16.82 -4.85 8.66
N ALA A 164 17.59 -4.93 7.57
CA ALA A 164 17.52 -6.06 6.65
C ALA A 164 17.50 -7.47 7.29
N GLY A 165 16.54 -8.28 6.87
CA GLY A 165 16.42 -9.63 7.41
C GLY A 165 15.78 -9.74 8.78
N ARG A 166 15.61 -8.62 9.49
CA ARG A 166 14.99 -8.66 10.83
C ARG A 166 13.50 -8.95 10.71
N HIS A 167 12.94 -9.60 11.72
CA HIS A 167 11.51 -9.83 11.71
C HIS A 167 10.95 -8.68 12.52
N ALA A 168 10.22 -7.81 11.83
CA ALA A 168 9.61 -6.66 12.45
C ALA A 168 8.13 -6.88 12.65
N VAL A 169 7.60 -6.26 13.70
CA VAL A 169 6.19 -6.34 14.05
C VAL A 169 5.65 -4.93 14.31
N VAL A 170 4.62 -4.58 13.53
CA VAL A 170 3.95 -3.28 13.65
C VAL A 170 2.58 -3.59 14.20
N VAL A 171 2.25 -3.04 15.36
CA VAL A 171 0.95 -3.27 15.98
C VAL A 171 0.08 -2.05 15.72
N GLY A 172 -0.83 -2.16 14.76
CA GLY A 172 -1.70 -1.06 14.39
C GLY A 172 -1.53 -0.88 12.89
N ARG A 173 -2.61 -0.54 12.18
CA ARG A 173 -2.55 -0.39 10.72
C ARG A 173 -3.19 0.88 10.16
N SER A 174 -3.24 1.94 10.97
CA SER A 174 -3.85 3.20 10.52
C SER A 174 -3.04 3.85 9.40
N LYS A 175 -3.72 4.71 8.62
CA LYS A 175 -3.10 5.43 7.49
C LYS A 175 -1.98 6.38 7.92
N ILE A 176 -2.10 6.94 9.12
CA ILE A 176 -1.13 7.89 9.68
C ILE A 176 0.16 7.24 10.19
N VAL A 177 0.06 6.09 10.85
CA VAL A 177 1.27 5.45 11.36
C VAL A 177 1.44 3.97 10.97
N GLY A 178 0.53 3.13 11.46
CA GLY A 178 0.61 1.71 11.20
C GLY A 178 0.84 1.24 9.78
N ALA A 179 -0.01 1.65 8.85
CA ALA A 179 0.10 1.25 7.45
C ALA A 179 1.43 1.72 6.81
N PRO A 180 1.76 3.03 6.91
CA PRO A 180 3.02 3.47 6.31
C PRO A 180 4.26 2.93 7.03
N MET A 181 4.13 2.60 8.32
CA MET A 181 5.25 2.05 9.10
C MET A 181 5.62 0.68 8.55
N HIS A 182 4.61 -0.10 8.20
CA HIS A 182 4.86 -1.40 7.63
C HIS A 182 5.68 -1.25 6.33
N ASP A 183 5.22 -0.38 5.45
CA ASP A 183 5.86 -0.12 4.17
C ASP A 183 7.32 0.29 4.30
N LEU A 184 7.58 1.18 5.26
CA LEU A 184 8.94 1.65 5.52
C LEU A 184 9.84 0.49 5.94
N LEU A 185 9.34 -0.36 6.83
CA LEU A 185 10.12 -1.50 7.29
C LEU A 185 10.31 -2.53 6.19
N LEU A 186 9.25 -2.83 5.45
CA LEU A 186 9.31 -3.79 4.34
C LEU A 186 10.29 -3.39 3.25
N TRP A 187 10.28 -2.11 2.87
CA TRP A 187 11.18 -1.63 1.84
C TRP A 187 12.57 -1.38 2.36
N ASN A 188 12.73 -1.55 3.67
CA ASN A 188 14.01 -1.45 4.35
C ASN A 188 14.45 -2.90 4.62
N ASN A 189 13.87 -3.79 3.83
CA ASN A 189 14.13 -5.22 3.84
C ASN A 189 13.93 -6.07 5.09
N ALA A 190 13.00 -5.66 5.94
CA ALA A 190 12.71 -6.44 7.13
C ALA A 190 11.59 -7.39 6.71
N THR A 191 11.30 -8.40 7.54
CA THR A 191 10.19 -9.31 7.27
C THR A 191 9.16 -8.74 8.24
N VAL A 192 8.09 -8.16 7.69
CA VAL A 192 7.10 -7.49 8.54
C VAL A 192 5.78 -8.16 8.80
N THR A 193 5.31 -8.07 10.04
CA THR A 193 4.03 -8.63 10.47
C THR A 193 3.20 -7.45 11.00
N THR A 194 2.04 -7.22 10.41
CA THR A 194 1.20 -6.13 10.87
C THR A 194 0.05 -6.74 11.65
N CYS A 195 -0.13 -6.24 12.88
CA CYS A 195 -1.19 -6.68 13.76
C CYS A 195 -2.24 -5.57 13.90
N HIS A 196 -3.44 -5.95 14.34
CA HIS A 196 -4.55 -5.03 14.52
C HIS A 196 -5.49 -5.58 15.58
N SER A 197 -6.70 -5.04 15.65
CA SER A 197 -7.68 -5.48 16.65
C SER A 197 -8.22 -6.88 16.42
N LYS A 198 -8.15 -7.38 15.20
CA LYS A 198 -8.66 -8.72 14.88
C LYS A 198 -7.59 -9.79 14.99
N THR A 199 -6.41 -9.39 15.43
CA THR A 199 -5.32 -10.33 15.57
C THR A 199 -5.50 -11.17 16.83
N ALA A 200 -5.39 -12.48 16.62
CA ALA A 200 -5.48 -13.47 17.70
C ALA A 200 -4.07 -13.71 18.21
N HIS A 201 -3.95 -13.99 19.51
CA HIS A 201 -2.64 -14.27 20.12
C HIS A 201 -1.61 -13.19 19.79
N LEU A 202 -1.97 -11.93 20.08
CA LEU A 202 -1.09 -10.79 19.82
C LEU A 202 0.23 -10.92 20.57
N ASP A 203 0.19 -11.52 21.75
CA ASP A 203 1.38 -11.71 22.55
C ASP A 203 2.43 -12.54 21.85
N GLU A 204 1.98 -13.57 21.13
CA GLU A 204 2.85 -14.46 20.38
C GLU A 204 3.38 -13.82 19.12
N GLU A 205 2.65 -12.83 18.62
CA GLU A 205 3.03 -12.10 17.42
C GLU A 205 4.12 -11.10 17.77
N VAL A 206 3.90 -10.39 18.87
CA VAL A 206 4.84 -9.39 19.36
C VAL A 206 6.17 -10.01 19.79
N ASN A 207 6.09 -11.24 20.26
CA ASN A 207 7.27 -11.94 20.72
C ASN A 207 8.22 -12.32 19.56
N LYS A 208 7.74 -12.19 18.32
CA LYS A 208 8.52 -12.50 17.13
C LYS A 208 9.32 -11.29 16.64
N GLY A 209 9.00 -10.12 17.17
CA GLY A 209 9.66 -8.90 16.74
C GLY A 209 11.03 -8.49 17.23
N ASP A 210 11.97 -8.46 16.30
CA ASP A 210 13.34 -8.03 16.57
C ASP A 210 13.21 -6.52 16.64
N ILE A 211 12.22 -6.00 15.92
CA ILE A 211 11.90 -4.58 15.85
C ILE A 211 10.41 -4.50 16.15
N LEU A 212 10.03 -3.62 17.07
CA LEU A 212 8.62 -3.49 17.42
C LEU A 212 8.12 -2.06 17.40
N VAL A 213 7.09 -1.80 16.61
CA VAL A 213 6.51 -0.48 16.52
C VAL A 213 5.06 -0.61 16.94
N VAL A 214 4.71 0.00 18.07
CA VAL A 214 3.34 -0.06 18.54
C VAL A 214 2.66 1.31 18.34
N ALA A 215 1.50 1.29 17.70
CA ALA A 215 0.73 2.49 17.46
C ALA A 215 -0.73 2.06 17.47
N THR A 216 -1.21 1.76 18.68
CA THR A 216 -2.58 1.30 18.90
C THR A 216 -3.50 2.29 19.60
N GLY A 217 -2.93 3.09 20.51
CA GLY A 217 -3.73 4.05 21.23
C GLY A 217 -4.41 3.43 22.45
N GLN A 218 -3.88 2.31 22.93
CA GLN A 218 -4.43 1.62 24.10
C GLN A 218 -3.30 1.65 25.10
N PRO A 219 -3.48 2.40 26.22
CA PRO A 219 -2.48 2.56 27.29
C PRO A 219 -1.84 1.29 27.83
N GLU A 220 -0.51 1.25 27.72
CA GLU A 220 0.30 0.14 28.20
C GLU A 220 -0.27 -1.26 27.94
N MET A 221 -0.95 -1.42 26.80
CA MET A 221 -1.57 -2.68 26.42
C MET A 221 -0.56 -3.76 26.05
N VAL A 222 0.50 -3.38 25.36
CA VAL A 222 1.55 -4.32 24.97
C VAL A 222 2.40 -4.56 26.22
N LYS A 223 2.31 -5.75 26.78
CA LYS A 223 3.06 -6.08 27.99
C LYS A 223 4.54 -6.33 27.72
N GLY A 224 5.37 -6.12 28.73
CA GLY A 224 6.80 -6.33 28.61
C GLY A 224 7.16 -7.80 28.43
N GLU A 225 6.28 -8.68 28.92
CA GLU A 225 6.49 -10.11 28.82
C GLU A 225 6.50 -10.56 27.37
N TRP A 226 5.76 -9.86 26.53
CA TRP A 226 5.66 -10.18 25.10
C TRP A 226 6.91 -9.82 24.32
N ILE A 227 7.65 -8.82 24.81
CA ILE A 227 8.85 -8.35 24.14
C ILE A 227 9.95 -9.40 23.99
N LYS A 228 10.42 -9.54 22.75
CA LYS A 228 11.48 -10.48 22.45
C LYS A 228 12.73 -9.92 23.10
N PRO A 229 13.42 -10.73 23.91
CA PRO A 229 14.63 -10.24 24.56
C PRO A 229 15.60 -9.62 23.55
N GLY A 230 16.02 -8.40 23.82
CA GLY A 230 16.95 -7.71 22.94
C GLY A 230 16.31 -6.94 21.81
N ALA A 231 14.99 -6.80 21.82
CA ALA A 231 14.31 -6.09 20.76
C ALA A 231 14.43 -4.58 20.84
N ILE A 232 14.16 -3.93 19.70
CA ILE A 232 14.14 -2.47 19.57
C ILE A 232 12.65 -2.10 19.63
N VAL A 233 12.23 -1.42 20.70
CA VAL A 233 10.83 -1.07 20.87
C VAL A 233 10.54 0.39 20.57
N ILE A 234 9.68 0.61 19.58
CA ILE A 234 9.30 1.94 19.17
C ILE A 234 7.86 2.11 19.60
N ASP A 235 7.66 3.07 20.49
CA ASP A 235 6.34 3.35 21.04
C ASP A 235 5.78 4.68 20.55
N CYS A 236 4.75 4.60 19.70
CA CYS A 236 4.12 5.79 19.13
C CYS A 236 2.96 6.29 19.97
N GLY A 237 2.65 5.60 21.04
CA GLY A 237 1.53 5.98 21.88
C GLY A 237 1.57 7.25 22.71
N ILE A 238 0.42 7.93 22.76
CA ILE A 238 0.22 9.15 23.55
C ILE A 238 -1.15 8.97 24.23
N ASN A 239 -1.12 8.40 25.44
CA ASN A 239 -2.34 8.13 26.20
C ASN A 239 -2.36 8.85 27.54
N TYR A 240 -3.55 9.25 27.96
CA TYR A 240 -3.73 9.95 29.23
C TYR A 240 -4.50 9.06 30.20
N LYS A 251 -1.75 11.28 33.64
CA LYS A 251 -0.37 11.06 33.20
C LYS A 251 -0.35 10.53 31.76
N VAL A 252 0.68 10.91 31.00
CA VAL A 252 0.83 10.45 29.61
C VAL A 252 1.64 9.14 29.61
N VAL A 253 1.12 8.12 28.93
CA VAL A 253 1.80 6.84 28.84
C VAL A 253 1.78 6.38 27.39
N GLY A 254 2.63 5.42 27.04
CA GLY A 254 2.66 4.92 25.68
C GLY A 254 1.72 3.72 25.53
N ASP A 255 1.79 3.06 24.39
CA ASP A 255 0.96 1.87 24.15
C ASP A 255 1.69 0.65 24.71
N VAL A 256 2.90 0.88 25.21
CA VAL A 256 3.75 -0.19 25.76
C VAL A 256 4.00 0.01 27.24
N ALA A 257 3.92 -1.08 28.00
CA ALA A 257 4.17 -1.04 29.44
C ALA A 257 5.68 -0.82 29.55
N TYR A 258 6.09 0.44 29.61
CA TYR A 258 7.50 0.82 29.66
C TYR A 258 8.41 0.15 30.68
N ASP A 259 8.08 0.27 31.96
CA ASP A 259 8.91 -0.33 33.01
C ASP A 259 9.22 -1.81 32.80
N GLU A 260 8.21 -2.55 32.36
CA GLU A 260 8.36 -3.97 32.11
C GLU A 260 9.16 -4.22 30.83
N ALA A 261 8.76 -3.53 29.76
CA ALA A 261 9.40 -3.66 28.45
C ALA A 261 10.86 -3.25 28.44
N LYS A 262 11.24 -2.27 29.26
CA LYS A 262 12.62 -1.79 29.31
C LYS A 262 13.60 -2.83 29.88
N GLU A 263 13.09 -3.82 30.63
CA GLU A 263 13.96 -4.86 31.20
C GLU A 263 14.19 -6.02 30.22
N ARG A 264 13.46 -6.02 29.12
CA ARG A 264 13.58 -7.05 28.09
C ARG A 264 14.17 -6.49 26.79
N ALA A 265 13.78 -5.27 26.44
CA ALA A 265 14.26 -4.62 25.23
C ALA A 265 15.74 -4.26 25.35
N SER A 266 16.36 -3.94 24.22
CA SER A 266 17.76 -3.53 24.19
C SER A 266 17.78 -2.02 24.00
N PHE A 267 16.84 -1.53 23.20
CA PHE A 267 16.66 -0.11 22.93
C PHE A 267 15.15 0.12 22.99
N ILE A 268 14.73 1.21 23.62
CA ILE A 268 13.32 1.52 23.76
C ILE A 268 13.08 3.03 23.79
N THR A 269 11.96 3.46 23.26
CA THR A 269 11.59 4.88 23.23
C THR A 269 10.71 5.26 24.41
N PRO A 270 11.11 6.28 25.18
CA PRO A 270 10.27 6.66 26.32
C PRO A 270 9.06 7.46 25.83
N VAL A 271 8.12 7.70 26.73
CA VAL A 271 6.92 8.47 26.44
C VAL A 271 6.61 9.36 27.64
N PRO A 272 6.66 10.69 27.45
CA PRO A 272 6.97 11.41 26.21
C PRO A 272 8.47 11.54 25.97
N GLY A 273 8.83 12.40 25.02
CA GLY A 273 10.22 12.63 24.68
C GLY A 273 10.78 11.54 23.77
N GLY A 274 9.89 10.80 23.12
CA GLY A 274 10.31 9.74 22.22
C GLY A 274 9.98 9.96 20.76
N VAL A 275 8.93 9.30 20.28
CA VAL A 275 8.48 9.42 18.88
C VAL A 275 7.90 10.78 18.53
N GLY A 276 7.32 11.44 19.53
CA GLY A 276 6.70 12.74 19.32
C GLY A 276 7.63 13.80 18.76
N PRO A 277 8.75 14.12 19.45
CA PRO A 277 9.67 15.14 18.95
C PRO A 277 10.15 14.83 17.54
N MET A 278 10.36 13.54 17.28
CA MET A 278 10.83 13.05 15.99
C MET A 278 9.84 13.31 14.87
N THR A 279 8.54 13.26 15.18
CA THR A 279 7.46 13.51 14.23
C THR A 279 7.54 14.95 13.73
N VAL A 280 7.71 15.89 14.66
CA VAL A 280 7.82 17.30 14.30
C VAL A 280 9.10 17.54 13.51
N ALA A 281 10.21 16.95 13.96
CA ALA A 281 11.46 17.10 13.25
C ALA A 281 11.37 16.60 11.79
N MET A 282 10.74 15.44 11.57
CA MET A 282 10.61 14.91 10.21
C MET A 282 9.69 15.78 9.35
N LEU A 283 8.65 16.33 9.97
CA LEU A 283 7.75 17.20 9.23
C LEU A 283 8.55 18.39 8.72
N MET A 284 9.41 18.91 9.60
CA MET A 284 10.24 20.04 9.23
C MET A 284 11.17 19.65 8.11
N GLN A 285 11.69 18.42 8.17
CA GLN A 285 12.60 17.92 7.14
C GLN A 285 11.93 17.84 5.77
N SER A 286 10.71 17.32 5.71
CA SER A 286 9.99 17.22 4.44
C SER A 286 9.68 18.61 3.89
N THR A 287 9.46 19.57 4.80
CA THR A 287 9.16 20.94 4.41
C THR A 287 10.35 21.58 3.74
N VAL A 288 11.54 21.40 4.32
CA VAL A 288 12.77 21.95 3.76
C VAL A 288 13.09 21.27 2.42
N GLU A 289 12.66 20.03 2.30
CA GLU A 289 12.86 19.26 1.08
C GLU A 289 11.92 19.80 0.01
N SER A 290 10.67 20.09 0.38
CA SER A 290 9.70 20.61 -0.57
C SER A 290 10.12 22.00 -1.06
N ALA A 291 10.79 22.74 -0.19
CA ALA A 291 11.26 24.09 -0.54
C ALA A 291 12.43 24.00 -1.52
N LYS A 292 13.35 23.08 -1.22
CA LYS A 292 14.53 22.85 -2.05
C LYS A 292 14.17 22.27 -3.42
N ARG A 293 13.22 21.33 -3.46
CA ARG A 293 12.81 20.75 -4.74
C ARG A 293 12.16 21.82 -5.62
N PHE A 294 11.63 22.85 -4.98
CA PHE A 294 11.00 23.97 -5.69
C PHE A 294 12.06 24.83 -6.39
N LEU A 295 13.19 25.05 -5.71
CA LEU A 295 14.29 25.82 -6.27
C LEU A 295 15.02 25.04 -7.35
N GLU A 296 15.02 23.71 -7.20
CA GLU A 296 15.66 22.81 -8.16
C GLU A 296 14.78 22.60 -9.40
N ALA B 2 -5.45 -37.82 4.39
CA ALA B 2 -6.29 -36.59 4.25
C ALA B 2 -5.59 -35.52 3.41
N PRO B 3 -5.45 -35.74 2.09
CA PRO B 3 -4.79 -34.78 1.20
C PRO B 3 -5.65 -33.53 0.99
N ALA B 4 -4.98 -32.44 0.61
CA ALA B 4 -5.63 -31.16 0.39
C ALA B 4 -6.69 -31.19 -0.70
N GLU B 5 -7.75 -30.41 -0.50
CA GLU B 5 -8.81 -30.29 -1.48
C GLU B 5 -8.20 -29.40 -2.56
N ILE B 6 -8.56 -29.67 -3.80
CA ILE B 6 -8.02 -28.90 -4.91
C ILE B 6 -8.93 -27.75 -5.30
N LEU B 7 -8.37 -26.55 -5.38
CA LEU B 7 -9.12 -25.37 -5.79
C LEU B 7 -9.02 -25.28 -7.31
N ASN B 8 -10.03 -25.79 -8.00
CA ASN B 8 -10.06 -25.78 -9.47
C ASN B 8 -10.35 -24.39 -10.05
N GLY B 9 -9.28 -23.65 -10.35
CA GLY B 9 -9.41 -22.31 -10.90
C GLY B 9 -10.13 -22.23 -12.23
N LYS B 10 -10.06 -23.29 -13.02
CA LYS B 10 -10.70 -23.34 -14.33
C LYS B 10 -12.22 -23.41 -14.22
N GLU B 11 -12.69 -24.24 -13.28
CA GLU B 11 -14.12 -24.41 -13.01
C GLU B 11 -14.70 -23.20 -12.29
N ILE B 12 -13.97 -22.68 -11.31
CA ILE B 12 -14.40 -21.52 -10.55
C ILE B 12 -14.50 -20.29 -11.45
N SER B 13 -13.53 -20.10 -12.33
CA SER B 13 -13.54 -18.95 -13.24
C SER B 13 -14.66 -19.09 -14.29
N ALA B 14 -15.04 -20.32 -14.59
CA ALA B 14 -16.12 -20.57 -15.55
C ALA B 14 -17.42 -20.11 -14.90
N GLN B 15 -17.58 -20.42 -13.61
CA GLN B 15 -18.77 -20.02 -12.87
C GLN B 15 -18.83 -18.49 -12.77
N ILE B 16 -17.69 -17.89 -12.47
CA ILE B 16 -17.62 -16.44 -12.35
C ILE B 16 -18.02 -15.76 -13.65
N ARG B 17 -17.39 -16.18 -14.76
CA ARG B 17 -17.68 -15.60 -16.06
C ARG B 17 -19.14 -15.79 -16.49
N ALA B 18 -19.71 -16.93 -16.08
CA ALA B 18 -21.10 -17.22 -16.41
C ALA B 18 -22.00 -16.26 -15.65
N ARG B 19 -21.72 -16.05 -14.37
CA ARG B 19 -22.49 -15.16 -13.51
C ARG B 19 -22.37 -13.71 -13.95
N LEU B 20 -21.19 -13.31 -14.43
CA LEU B 20 -20.97 -11.94 -14.91
C LEU B 20 -21.78 -11.66 -16.18
N LYS B 21 -21.99 -12.70 -16.99
CA LYS B 21 -22.76 -12.59 -18.21
C LYS B 21 -24.19 -12.29 -17.81
N ASN B 22 -24.72 -13.09 -16.89
CA ASN B 22 -26.08 -12.90 -16.40
C ASN B 22 -26.25 -11.50 -15.81
N GLN B 23 -25.24 -11.04 -15.07
CA GLN B 23 -25.26 -9.73 -14.44
C GLN B 23 -25.34 -8.66 -15.51
N VAL B 24 -24.46 -8.76 -16.51
CA VAL B 24 -24.41 -7.82 -17.62
C VAL B 24 -25.73 -7.75 -18.38
N THR B 25 -26.31 -8.92 -18.64
CA THR B 25 -27.59 -9.01 -19.34
C THR B 25 -28.67 -8.26 -18.56
N GLN B 26 -28.72 -8.49 -17.26
CA GLN B 26 -29.69 -7.86 -16.39
C GLN B 26 -29.54 -6.36 -16.25
N LEU B 27 -28.31 -5.86 -16.33
CA LEU B 27 -28.05 -4.43 -16.24
C LEU B 27 -28.59 -3.75 -17.49
N LYS B 28 -28.34 -4.37 -18.64
CA LYS B 28 -28.78 -3.85 -19.93
C LYS B 28 -30.28 -3.85 -20.03
N GLU B 29 -30.93 -4.84 -19.41
CA GLU B 29 -32.39 -4.91 -19.45
C GLU B 29 -33.01 -3.97 -18.43
N GLN B 30 -32.34 -3.81 -17.29
CA GLN B 30 -32.80 -2.92 -16.23
C GLN B 30 -32.64 -1.46 -16.62
N VAL B 31 -31.55 -1.15 -17.34
CA VAL B 31 -31.28 0.21 -17.80
C VAL B 31 -31.00 0.16 -19.30
N PRO B 32 -32.06 0.22 -20.13
CA PRO B 32 -31.96 0.18 -21.59
C PRO B 32 -30.98 1.17 -22.16
N GLY B 33 -30.12 0.66 -23.04
CA GLY B 33 -29.12 1.48 -23.68
C GLY B 33 -27.74 1.38 -23.06
N PHE B 34 -27.69 1.00 -21.78
CA PHE B 34 -26.43 0.87 -21.06
C PHE B 34 -25.53 -0.18 -21.68
N THR B 35 -24.27 0.19 -21.88
CA THR B 35 -23.29 -0.70 -22.49
C THR B 35 -21.97 -0.74 -21.72
N PRO B 36 -21.75 -1.77 -20.87
CA PRO B 36 -20.48 -1.81 -20.13
C PRO B 36 -19.39 -1.88 -21.19
N ARG B 37 -18.46 -0.92 -21.15
CA ARG B 37 -17.39 -0.86 -22.13
C ARG B 37 -15.96 -0.87 -21.60
N LEU B 38 -15.15 -1.73 -22.20
CA LEU B 38 -13.75 -1.88 -21.84
C LEU B 38 -12.92 -1.52 -23.05
N ALA B 39 -11.75 -0.95 -22.82
CA ALA B 39 -10.84 -0.58 -23.89
C ALA B 39 -9.43 -1.03 -23.52
N ILE B 40 -8.75 -1.66 -24.47
CA ILE B 40 -7.40 -2.13 -24.26
C ILE B 40 -6.50 -1.39 -25.25
N LEU B 41 -5.55 -0.63 -24.71
CA LEU B 41 -4.63 0.14 -25.53
C LEU B 41 -3.36 -0.67 -25.69
N GLN B 42 -2.97 -0.85 -26.94
CA GLN B 42 -1.76 -1.60 -27.27
C GLN B 42 -0.80 -0.74 -28.10
N VAL B 43 0.50 -0.85 -27.83
CA VAL B 43 1.51 -0.14 -28.58
C VAL B 43 2.47 -1.19 -29.13
N GLY B 44 2.62 -1.21 -30.45
CA GLY B 44 3.47 -2.19 -31.09
C GLY B 44 2.65 -3.37 -31.57
N ASN B 45 3.32 -4.51 -31.74
CA ASN B 45 2.65 -5.71 -32.22
C ASN B 45 3.26 -7.02 -31.69
N ARG B 46 3.60 -7.05 -30.41
CA ARG B 46 4.16 -8.24 -29.78
C ARG B 46 3.23 -9.44 -29.94
N ASP B 47 3.82 -10.61 -30.15
CA ASP B 47 3.05 -11.84 -30.32
C ASP B 47 2.31 -12.28 -29.08
N ASP B 48 2.98 -12.20 -27.93
CA ASP B 48 2.35 -12.59 -26.68
C ASP B 48 1.21 -11.64 -26.29
N SER B 49 1.41 -10.33 -26.51
CA SER B 49 0.39 -9.34 -26.21
C SER B 49 -0.86 -9.60 -27.06
N ASN B 50 -0.67 -9.80 -28.36
CA ASN B 50 -1.78 -10.08 -29.26
C ASN B 50 -2.61 -11.23 -28.73
N LEU B 51 -1.94 -12.32 -28.38
CA LEU B 51 -2.60 -13.51 -27.83
C LEU B 51 -3.38 -13.18 -26.57
N TYR B 52 -2.71 -12.53 -25.61
CA TYR B 52 -3.33 -12.14 -24.36
C TYR B 52 -4.53 -11.23 -24.64
N ILE B 53 -4.34 -10.22 -25.49
CA ILE B 53 -5.41 -9.29 -25.80
C ILE B 53 -6.62 -9.99 -26.38
N ASN B 54 -6.39 -10.89 -27.33
CA ASN B 54 -7.49 -11.61 -27.95
C ASN B 54 -8.28 -12.39 -26.91
N VAL B 55 -7.59 -13.01 -25.95
CA VAL B 55 -8.28 -13.77 -24.90
C VAL B 55 -9.18 -12.87 -24.08
N LYS B 56 -8.66 -11.71 -23.71
CA LYS B 56 -9.43 -10.75 -22.94
C LYS B 56 -10.67 -10.30 -23.71
N LEU B 57 -10.46 -9.80 -24.94
CA LEU B 57 -11.57 -9.34 -25.78
C LEU B 57 -12.65 -10.43 -26.00
N LYS B 58 -12.22 -11.67 -26.10
CA LYS B 58 -13.14 -12.80 -26.31
C LYS B 58 -14.01 -13.00 -25.06
N ALA B 59 -13.40 -12.97 -23.87
CA ALA B 59 -14.11 -13.16 -22.62
C ALA B 59 -15.11 -12.04 -22.44
N ALA B 60 -14.68 -10.83 -22.81
CA ALA B 60 -15.51 -9.64 -22.71
C ALA B 60 -16.76 -9.74 -23.58
N GLU B 61 -16.58 -10.15 -24.83
CA GLU B 61 -17.72 -10.26 -25.74
C GLU B 61 -18.73 -11.35 -25.37
N GLU B 62 -18.26 -12.42 -24.72
CA GLU B 62 -19.18 -13.49 -24.29
C GLU B 62 -19.97 -13.01 -23.08
N ILE B 63 -19.35 -12.19 -22.23
CA ILE B 63 -20.00 -11.64 -21.06
C ILE B 63 -20.95 -10.51 -21.48
N GLY B 64 -20.76 -10.01 -22.70
CA GLY B 64 -21.61 -8.95 -23.20
C GLY B 64 -21.05 -7.56 -22.96
N ILE B 65 -19.75 -7.50 -22.67
CA ILE B 65 -19.07 -6.24 -22.44
C ILE B 65 -18.48 -5.82 -23.78
N LYS B 66 -18.62 -4.54 -24.13
CA LYS B 66 -18.06 -4.05 -25.38
C LYS B 66 -16.58 -3.81 -25.14
N ALA B 67 -15.75 -4.63 -25.80
CA ALA B 67 -14.31 -4.51 -25.67
C ALA B 67 -13.74 -3.86 -26.93
N THR B 68 -13.06 -2.73 -26.74
CA THR B 68 -12.47 -1.98 -27.84
C THR B 68 -10.96 -2.17 -27.77
N HIS B 69 -10.35 -2.52 -28.90
CA HIS B 69 -8.91 -2.70 -28.96
C HIS B 69 -8.29 -1.61 -29.82
N ILE B 70 -7.34 -0.89 -29.25
CA ILE B 70 -6.64 0.17 -29.97
C ILE B 70 -5.20 -0.24 -30.07
N LYS B 71 -4.78 -0.59 -31.29
CA LYS B 71 -3.41 -1.00 -31.53
C LYS B 71 -2.59 0.09 -32.24
N LEU B 72 -1.70 0.73 -31.50
CA LEU B 72 -0.83 1.79 -32.04
C LEU B 72 0.48 1.18 -32.56
N PRO B 73 1.05 1.74 -33.64
CA PRO B 73 2.31 1.22 -34.21
C PRO B 73 3.55 1.37 -33.33
N ARG B 74 4.63 0.69 -33.71
CA ARG B 74 5.90 0.74 -32.97
C ARG B 74 6.49 2.14 -33.01
N THR B 75 6.17 2.87 -34.08
CA THR B 75 6.66 4.21 -34.31
C THR B 75 6.07 5.24 -33.38
N THR B 76 5.03 4.85 -32.65
CA THR B 76 4.35 5.74 -31.73
C THR B 76 5.33 6.33 -30.72
N THR B 77 5.12 7.60 -30.38
CA THR B 77 5.95 8.29 -29.40
C THR B 77 5.17 8.37 -28.08
N GLU B 78 5.83 8.81 -27.02
CA GLU B 78 5.19 8.91 -25.71
C GLU B 78 3.99 9.86 -25.69
N SER B 79 4.14 11.00 -26.37
CA SER B 79 3.07 11.98 -26.41
C SER B 79 1.78 11.44 -27.02
N GLU B 80 1.91 10.58 -28.03
CA GLU B 80 0.72 10.01 -28.68
C GLU B 80 0.04 9.07 -27.72
N VAL B 81 0.82 8.20 -27.09
CA VAL B 81 0.26 7.25 -26.12
C VAL B 81 -0.48 8.07 -25.05
N MET B 82 0.12 9.17 -24.61
CA MET B 82 -0.51 10.02 -23.59
C MET B 82 -1.82 10.63 -24.08
N LYS B 83 -1.86 11.08 -25.34
CA LYS B 83 -3.07 11.67 -25.91
C LYS B 83 -4.22 10.66 -25.86
N TYR B 84 -3.95 9.41 -26.20
CA TYR B 84 -4.97 8.38 -26.17
C TYR B 84 -5.46 8.13 -24.77
N ILE B 85 -4.54 8.11 -23.80
CA ILE B 85 -4.93 7.86 -22.43
C ILE B 85 -5.86 8.95 -21.93
N THR B 86 -5.52 10.20 -22.25
CA THR B 86 -6.34 11.35 -21.86
C THR B 86 -7.71 11.25 -22.52
N SER B 87 -7.74 10.92 -23.81
CA SER B 87 -8.99 10.79 -24.55
C SER B 87 -9.85 9.68 -24.01
N LEU B 88 -9.23 8.59 -23.58
CA LEU B 88 -9.94 7.44 -23.00
C LEU B 88 -10.49 7.87 -21.64
N ASN B 89 -9.70 8.64 -20.91
CA ASN B 89 -10.14 9.14 -19.61
C ASN B 89 -11.42 9.96 -19.80
N GLU B 90 -11.38 10.87 -20.76
CA GLU B 90 -12.50 11.77 -21.10
C GLU B 90 -13.72 11.12 -21.76
N ASP B 91 -13.52 9.97 -22.40
CA ASP B 91 -14.61 9.26 -23.09
C ASP B 91 -15.56 8.63 -22.09
N SER B 92 -16.71 9.26 -21.93
CA SER B 92 -17.73 8.81 -20.99
C SER B 92 -18.40 7.47 -21.33
N THR B 93 -18.13 6.95 -22.52
CA THR B 93 -18.72 5.65 -22.91
C THR B 93 -17.82 4.50 -22.47
N VAL B 94 -16.58 4.82 -22.13
CA VAL B 94 -15.59 3.85 -21.67
C VAL B 94 -15.64 3.85 -20.15
N HIS B 95 -15.93 2.70 -19.55
CA HIS B 95 -16.02 2.58 -18.11
C HIS B 95 -14.68 2.19 -17.48
N GLY B 96 -13.91 1.42 -18.22
CA GLY B 96 -12.62 1.01 -17.72
C GLY B 96 -11.73 0.70 -18.90
N PHE B 97 -10.43 0.92 -18.72
CA PHE B 97 -9.46 0.63 -19.78
C PHE B 97 -8.10 0.24 -19.20
N LEU B 98 -7.25 -0.35 -20.03
CA LEU B 98 -5.93 -0.78 -19.57
C LEU B 98 -4.87 -0.61 -20.66
N VAL B 99 -3.62 -0.45 -20.23
CA VAL B 99 -2.52 -0.33 -21.17
C VAL B 99 -1.80 -1.66 -21.10
N GLN B 100 -1.85 -2.42 -22.18
CA GLN B 100 -1.20 -3.71 -22.23
C GLN B 100 0.31 -3.51 -22.23
N LEU B 101 0.97 -4.10 -21.25
CA LEU B 101 2.42 -3.99 -21.14
C LEU B 101 3.07 -5.33 -21.47
N PRO B 102 4.34 -5.31 -21.89
CA PRO B 102 5.19 -4.13 -22.07
C PRO B 102 4.98 -3.42 -23.41
N LEU B 103 5.15 -2.11 -23.41
CA LEU B 103 5.01 -1.32 -24.63
C LEU B 103 6.06 -1.72 -25.67
N ASP B 104 5.63 -1.86 -26.92
CA ASP B 104 6.53 -2.22 -28.01
C ASP B 104 6.66 -1.04 -28.95
N SER B 105 7.64 -0.18 -28.68
CA SER B 105 7.86 1.00 -29.50
C SER B 105 9.34 1.14 -29.81
N GLU B 106 9.64 1.84 -30.89
CA GLU B 106 11.04 2.08 -31.29
C GLU B 106 11.59 3.28 -30.53
N ASN B 107 10.70 3.99 -29.85
CA ASN B 107 11.06 5.18 -29.09
C ASN B 107 11.01 4.93 -27.58
N SER B 108 11.69 5.78 -26.83
CA SER B 108 11.69 5.66 -25.37
C SER B 108 10.36 6.21 -24.86
N ILE B 109 9.65 5.36 -24.12
CA ILE B 109 8.36 5.75 -23.53
C ILE B 109 8.41 5.38 -22.04
N ASN B 110 8.14 6.36 -21.18
CA ASN B 110 8.15 6.16 -19.73
C ASN B 110 6.88 5.42 -19.29
N THR B 111 6.99 4.11 -19.20
CA THR B 111 5.87 3.24 -18.82
C THR B 111 5.14 3.69 -17.55
N GLU B 112 5.88 4.07 -16.51
CA GLU B 112 5.26 4.51 -15.27
C GLU B 112 4.41 5.76 -15.46
N GLU B 113 4.94 6.77 -16.14
CA GLU B 113 4.21 8.01 -16.41
C GLU B 113 2.97 7.68 -17.22
N VAL B 114 3.12 6.80 -18.20
CA VAL B 114 2.00 6.36 -19.03
C VAL B 114 0.91 5.74 -18.14
N ILE B 115 1.28 4.72 -17.37
CA ILE B 115 0.35 4.02 -16.48
C ILE B 115 -0.34 4.94 -15.47
N ASN B 116 0.41 5.87 -14.89
CA ASN B 116 -0.13 6.80 -13.91
C ASN B 116 -0.95 7.96 -14.47
N ALA B 117 -1.14 7.98 -15.79
CA ALA B 117 -1.92 9.02 -16.45
C ALA B 117 -3.35 8.54 -16.52
N ILE B 118 -3.54 7.25 -16.26
CA ILE B 118 -4.86 6.60 -16.29
C ILE B 118 -5.71 7.11 -15.14
N ALA B 119 -6.96 7.50 -15.46
CA ALA B 119 -7.88 7.99 -14.45
C ALA B 119 -8.14 6.83 -13.49
N PRO B 120 -7.89 7.03 -12.18
CA PRO B 120 -8.08 6.01 -11.13
C PRO B 120 -9.43 5.30 -11.21
N GLU B 121 -10.45 6.03 -11.64
CA GLU B 121 -11.79 5.46 -11.72
C GLU B 121 -11.98 4.51 -12.91
N LYS B 122 -11.01 4.48 -13.82
CA LYS B 122 -11.10 3.63 -15.00
C LYS B 122 -10.01 2.56 -15.07
N ASP B 123 -9.13 2.60 -14.08
CA ASP B 123 -7.97 1.71 -13.95
C ASP B 123 -8.31 0.26 -13.56
N VAL B 124 -8.94 -0.49 -14.47
CA VAL B 124 -9.32 -1.88 -14.19
C VAL B 124 -8.20 -2.82 -13.75
N ASP B 125 -6.97 -2.60 -14.23
CA ASP B 125 -5.83 -3.44 -13.82
C ASP B 125 -5.31 -3.05 -12.42
N GLY B 126 -5.85 -1.95 -11.87
CA GLY B 126 -5.51 -1.44 -10.55
C GLY B 126 -4.05 -1.21 -10.22
N LEU B 127 -3.26 -0.83 -11.21
CA LEU B 127 -1.84 -0.60 -11.00
C LEU B 127 -1.37 0.84 -10.80
N THR B 128 -2.23 1.83 -11.05
CA THR B 128 -1.83 3.24 -10.86
C THR B 128 -1.45 3.45 -9.39
N SER B 129 -0.62 4.45 -9.11
CA SER B 129 -0.21 4.75 -7.73
C SER B 129 -1.39 5.13 -6.86
N ILE B 130 -2.30 5.93 -7.41
CA ILE B 130 -3.48 6.38 -6.66
C ILE B 130 -4.33 5.20 -6.25
N ASN B 131 -4.48 4.24 -7.16
CA ASN B 131 -5.26 3.05 -6.89
C ASN B 131 -4.56 2.14 -5.89
N ALA B 132 -3.25 1.99 -6.05
CA ALA B 132 -2.44 1.17 -5.15
C ALA B 132 -2.52 1.83 -3.77
N GLY B 133 -2.51 3.16 -3.76
CA GLY B 133 -2.58 3.89 -2.52
C GLY B 133 -3.87 3.66 -1.79
N ARG B 134 -4.97 3.69 -2.52
CA ARG B 134 -6.28 3.46 -1.92
C ARG B 134 -6.41 2.04 -1.39
N LEU B 135 -5.98 1.08 -2.20
CA LEU B 135 -6.03 -0.33 -1.82
C LEU B 135 -5.15 -0.59 -0.60
N ALA B 136 -3.95 -0.03 -0.60
CA ALA B 136 -3.01 -0.22 0.48
C ALA B 136 -3.50 0.33 1.81
N ARG B 137 -4.37 1.34 1.75
CA ARG B 137 -4.89 1.98 2.96
C ARG B 137 -6.32 1.57 3.34
N GLY B 138 -6.83 0.53 2.71
CA GLY B 138 -8.15 0.03 3.05
C GLY B 138 -9.39 0.47 2.32
N ASP B 139 -9.27 1.05 1.13
CA ASP B 139 -10.45 1.49 0.39
C ASP B 139 -10.93 0.38 -0.52
N LEU B 140 -11.08 -0.81 0.06
CA LEU B 140 -11.52 -2.00 -0.67
C LEU B 140 -12.94 -1.93 -1.21
N ASN B 141 -13.70 -0.93 -0.79
CA ASN B 141 -15.09 -0.80 -1.22
C ASN B 141 -15.27 -0.35 -2.66
N ASP B 142 -14.40 0.53 -3.16
CA ASP B 142 -14.54 1.02 -4.53
C ASP B 142 -13.27 1.04 -5.40
N CYS B 143 -12.12 0.68 -4.82
CA CYS B 143 -10.87 0.66 -5.59
C CYS B 143 -10.81 -0.56 -6.50
N PHE B 144 -9.83 -0.56 -7.40
CA PHE B 144 -9.62 -1.67 -8.32
C PHE B 144 -8.53 -2.53 -7.74
N ILE B 145 -8.65 -3.83 -7.95
CA ILE B 145 -7.67 -4.78 -7.44
C ILE B 145 -7.04 -5.49 -8.63
N PRO B 146 -5.68 -5.49 -8.73
CA PRO B 146 -5.02 -6.17 -9.85
C PRO B 146 -5.55 -7.60 -9.98
N CYS B 147 -5.76 -8.04 -11.21
CA CYS B 147 -6.32 -9.37 -11.45
C CYS B 147 -5.73 -10.60 -10.75
N THR B 148 -4.40 -10.73 -10.66
CA THR B 148 -3.82 -11.89 -9.99
C THR B 148 -4.18 -11.97 -8.49
N PRO B 149 -3.81 -10.95 -7.68
CA PRO B 149 -4.18 -11.03 -6.25
C PRO B 149 -5.70 -11.07 -6.01
N LYS B 150 -6.47 -10.52 -6.95
CA LYS B 150 -7.93 -10.51 -6.85
C LYS B 150 -8.42 -11.94 -7.02
N GLY B 151 -7.82 -12.66 -7.96
CA GLY B 151 -8.21 -14.04 -8.19
C GLY B 151 -7.79 -14.93 -7.05
N CYS B 152 -6.68 -14.58 -6.38
CA CYS B 152 -6.16 -15.35 -5.24
C CYS B 152 -7.12 -15.26 -4.06
N LEU B 153 -7.68 -14.07 -3.83
CA LEU B 153 -8.63 -13.85 -2.72
C LEU B 153 -9.94 -14.60 -2.95
N GLU B 154 -10.33 -14.69 -4.21
CA GLU B 154 -11.54 -15.40 -4.60
C GLU B 154 -11.39 -16.87 -4.29
N LEU B 155 -10.21 -17.41 -4.62
CA LEU B 155 -9.89 -18.80 -4.37
C LEU B 155 -9.88 -19.08 -2.86
N ILE B 156 -9.24 -18.19 -2.09
CA ILE B 156 -9.19 -18.32 -0.64
C ILE B 156 -10.61 -18.32 -0.06
N LYS B 157 -11.47 -17.44 -0.57
CA LYS B 157 -12.83 -17.38 -0.08
C LYS B 157 -13.66 -18.58 -0.48
N GLU B 158 -13.32 -19.20 -1.61
CA GLU B 158 -14.04 -20.37 -2.08
C GLU B 158 -13.98 -21.54 -1.10
N THR B 159 -12.94 -21.57 -0.27
CA THR B 159 -12.74 -22.64 0.71
C THR B 159 -13.81 -22.61 1.81
N GLY B 160 -14.35 -21.43 2.06
CA GLY B 160 -15.36 -21.27 3.09
C GLY B 160 -14.79 -20.87 4.45
N VAL B 161 -13.48 -21.08 4.62
CA VAL B 161 -12.78 -20.74 5.87
C VAL B 161 -12.57 -19.21 5.98
N PRO B 162 -13.12 -18.60 7.05
CA PRO B 162 -12.99 -17.17 7.28
C PRO B 162 -11.53 -16.76 7.38
N ILE B 163 -11.24 -15.59 6.85
CA ILE B 163 -9.88 -15.06 6.84
C ILE B 163 -9.52 -14.34 8.12
N ALA B 164 -10.45 -13.54 8.63
CA ALA B 164 -10.21 -12.76 9.84
C ALA B 164 -9.59 -13.55 10.97
N GLY B 165 -8.57 -12.96 11.59
CA GLY B 165 -7.89 -13.60 12.71
C GLY B 165 -6.84 -14.63 12.35
N ARG B 166 -6.85 -15.10 11.10
CA ARG B 166 -5.86 -16.08 10.66
C ARG B 166 -4.53 -15.44 10.26
N HIS B 167 -3.45 -16.18 10.41
CA HIS B 167 -2.13 -15.67 10.05
C HIS B 167 -1.84 -16.04 8.59
N ALA B 168 -1.70 -15.02 7.75
CA ALA B 168 -1.43 -15.21 6.32
C ALA B 168 -0.03 -14.78 5.99
N VAL B 169 0.64 -15.59 5.18
CA VAL B 169 2.01 -15.32 4.76
C VAL B 169 2.02 -15.06 3.27
N VAL B 170 2.71 -13.99 2.86
CA VAL B 170 2.82 -13.65 1.46
C VAL B 170 4.31 -13.65 1.10
N VAL B 171 4.70 -14.60 0.24
CA VAL B 171 6.10 -14.71 -0.21
C VAL B 171 6.16 -13.95 -1.52
N GLY B 172 6.82 -12.80 -1.51
CA GLY B 172 6.88 -11.96 -2.69
C GLY B 172 6.22 -10.62 -2.37
N ARG B 173 6.81 -9.53 -2.84
CA ARG B 173 6.26 -8.19 -2.58
C ARG B 173 6.24 -7.29 -3.83
N SER B 174 5.84 -7.84 -4.97
CA SER B 174 5.80 -7.10 -6.23
C SER B 174 4.55 -6.26 -6.35
N LYS B 175 4.58 -5.29 -7.27
CA LYS B 175 3.45 -4.38 -7.54
C LYS B 175 2.29 -5.11 -8.17
N ILE B 176 2.58 -6.12 -8.98
CA ILE B 176 1.56 -6.89 -9.67
C ILE B 176 0.83 -7.89 -8.78
N VAL B 177 1.57 -8.59 -7.91
CA VAL B 177 0.95 -9.59 -7.04
C VAL B 177 1.23 -9.41 -5.55
N GLY B 178 2.45 -9.69 -5.14
CA GLY B 178 2.82 -9.58 -3.73
C GLY B 178 2.33 -8.44 -2.85
N ALA B 179 2.50 -7.20 -3.32
CA ALA B 179 2.10 -6.03 -2.55
C ALA B 179 0.59 -5.96 -2.41
N PRO B 180 -0.15 -5.94 -3.53
CA PRO B 180 -1.61 -5.88 -3.41
C PRO B 180 -2.19 -7.08 -2.70
N MET B 181 -1.51 -8.23 -2.79
CA MET B 181 -1.99 -9.43 -2.12
C MET B 181 -2.04 -9.22 -0.61
N HIS B 182 -1.01 -8.56 -0.07
CA HIS B 182 -0.94 -8.26 1.36
C HIS B 182 -2.10 -7.38 1.72
N ASP B 183 -2.29 -6.32 0.94
CA ASP B 183 -3.37 -5.37 1.18
C ASP B 183 -4.72 -6.05 1.31
N LEU B 184 -4.99 -7.01 0.42
CA LEU B 184 -6.26 -7.74 0.43
C LEU B 184 -6.43 -8.50 1.73
N LEU B 185 -5.41 -9.26 2.08
CA LEU B 185 -5.42 -10.06 3.29
C LEU B 185 -5.49 -9.21 4.55
N LEU B 186 -4.71 -8.14 4.62
CA LEU B 186 -4.74 -7.25 5.80
C LEU B 186 -6.16 -6.70 6.00
N TRP B 187 -6.72 -6.10 4.96
CA TRP B 187 -8.06 -5.51 5.02
C TRP B 187 -9.21 -6.54 5.08
N ASN B 188 -8.87 -7.82 5.07
CA ASN B 188 -9.83 -8.91 5.24
C ASN B 188 -9.53 -9.48 6.62
N ASN B 189 -8.89 -8.64 7.42
CA ASN B 189 -8.53 -8.92 8.80
C ASN B 189 -7.62 -10.07 9.19
N ALA B 190 -6.71 -10.44 8.30
CA ALA B 190 -5.74 -11.49 8.61
C ALA B 190 -4.51 -10.79 9.15
N THR B 191 -3.73 -11.51 9.95
CA THR B 191 -2.48 -10.97 10.46
C THR B 191 -1.46 -11.33 9.38
N VAL B 192 -1.06 -10.35 8.57
CA VAL B 192 -0.15 -10.60 7.46
C VAL B 192 1.35 -10.39 7.71
N THR B 193 2.14 -11.36 7.26
CA THR B 193 3.60 -11.32 7.35
C THR B 193 4.14 -11.34 5.92
N THR B 194 4.82 -10.29 5.50
CA THR B 194 5.34 -10.25 4.14
C THR B 194 6.81 -10.65 4.06
N CYS B 195 7.10 -11.61 3.17
CA CYS B 195 8.44 -12.13 2.99
C CYS B 195 8.93 -11.76 1.61
N HIS B 196 10.26 -11.81 1.43
CA HIS B 196 10.91 -11.49 0.16
C HIS B 196 12.28 -12.18 0.08
N SER B 197 13.11 -11.75 -0.87
CA SER B 197 14.43 -12.33 -1.07
C SER B 197 15.42 -12.12 0.08
N LYS B 198 15.15 -11.13 0.94
CA LYS B 198 16.03 -10.82 2.07
C LYS B 198 15.57 -11.44 3.38
N THR B 199 14.48 -12.19 3.33
CA THR B 199 13.93 -12.85 4.50
C THR B 199 14.83 -14.01 4.95
N ALA B 200 15.18 -14.01 6.23
CA ALA B 200 16.00 -15.09 6.79
C ALA B 200 15.06 -16.19 7.29
N HIS B 201 15.54 -17.43 7.28
CA HIS B 201 14.74 -18.57 7.74
C HIS B 201 13.34 -18.52 7.15
N LEU B 202 13.27 -18.40 5.82
CA LEU B 202 11.98 -18.34 5.12
C LEU B 202 11.08 -19.55 5.40
N ASP B 203 11.69 -20.70 5.62
CA ASP B 203 10.94 -21.92 5.90
C ASP B 203 10.12 -21.82 7.17
N GLU B 204 10.72 -21.22 8.20
CA GLU B 204 10.07 -21.06 9.50
C GLU B 204 8.96 -20.02 9.41
N GLU B 205 9.18 -19.02 8.56
CA GLU B 205 8.21 -17.96 8.33
C GLU B 205 6.98 -18.53 7.66
N VAL B 206 7.19 -19.28 6.59
CA VAL B 206 6.12 -19.90 5.81
C VAL B 206 5.32 -20.88 6.67
N ASN B 207 6.00 -21.59 7.55
CA ASN B 207 5.35 -22.58 8.41
C ASN B 207 4.39 -21.97 9.44
N LYS B 208 4.28 -20.65 9.48
CA LYS B 208 3.39 -19.98 10.41
C LYS B 208 2.11 -19.54 9.68
N GLY B 209 2.03 -19.81 8.37
CA GLY B 209 0.86 -19.37 7.61
C GLY B 209 -0.32 -20.29 7.46
N ASP B 210 -1.47 -19.87 8.00
CA ASP B 210 -2.73 -20.61 7.90
C ASP B 210 -3.20 -20.41 6.47
N ILE B 211 -2.76 -19.29 5.91
CA ILE B 211 -3.05 -18.88 4.54
C ILE B 211 -1.68 -18.52 3.95
N LEU B 212 -1.35 -19.14 2.83
CA LEU B 212 -0.07 -18.89 2.20
C LEU B 212 -0.23 -18.55 0.75
N VAL B 213 0.24 -17.37 0.37
CA VAL B 213 0.20 -16.96 -1.03
C VAL B 213 1.65 -16.75 -1.48
N VAL B 214 2.07 -17.57 -2.44
CA VAL B 214 3.42 -17.51 -2.97
C VAL B 214 3.46 -16.93 -4.37
N ALA B 215 4.28 -15.90 -4.56
CA ALA B 215 4.44 -15.23 -5.84
C ALA B 215 5.91 -14.84 -5.93
N THR B 216 6.77 -15.81 -6.26
CA THR B 216 8.20 -15.56 -6.32
C THR B 216 8.88 -15.75 -7.66
N GLY B 217 8.35 -16.63 -8.50
CA GLY B 217 8.99 -16.89 -9.79
C GLY B 217 10.12 -17.90 -9.61
N GLN B 218 10.30 -18.41 -8.39
CA GLN B 218 11.34 -19.40 -8.11
C GLN B 218 10.64 -20.77 -8.11
N PRO B 219 10.79 -21.54 -9.21
CA PRO B 219 10.17 -22.86 -9.35
C PRO B 219 10.30 -23.82 -8.18
N GLU B 220 9.15 -24.20 -7.65
CA GLU B 220 9.04 -25.13 -6.54
C GLU B 220 9.93 -24.90 -5.32
N MET B 221 10.31 -23.66 -5.05
CA MET B 221 11.17 -23.38 -3.91
C MET B 221 10.52 -23.73 -2.58
N VAL B 222 9.27 -23.31 -2.40
CA VAL B 222 8.55 -23.59 -1.16
C VAL B 222 8.24 -25.07 -1.10
N LYS B 223 9.02 -25.79 -0.31
CA LYS B 223 8.84 -27.22 -0.18
C LYS B 223 7.63 -27.51 0.70
N GLY B 224 7.05 -28.71 0.54
CA GLY B 224 5.89 -29.10 1.33
C GLY B 224 6.13 -29.19 2.83
N GLU B 225 7.38 -29.45 3.21
CA GLU B 225 7.76 -29.54 4.62
C GLU B 225 7.53 -28.18 5.33
N TRP B 226 7.65 -27.09 4.57
CA TRP B 226 7.47 -25.74 5.09
C TRP B 226 6.02 -25.46 5.41
N ILE B 227 5.12 -25.95 4.56
CA ILE B 227 3.68 -25.77 4.72
C ILE B 227 3.15 -26.15 6.12
N LYS B 228 2.38 -25.24 6.70
CA LYS B 228 1.78 -25.49 8.01
C LYS B 228 0.63 -26.47 7.82
N PRO B 229 0.57 -27.52 8.65
CA PRO B 229 -0.51 -28.52 8.55
C PRO B 229 -1.90 -27.87 8.57
N GLY B 230 -2.64 -28.06 7.47
CA GLY B 230 -3.99 -27.53 7.34
C GLY B 230 -4.12 -26.18 6.66
N ALA B 231 -3.01 -25.59 6.24
CA ALA B 231 -3.02 -24.27 5.60
C ALA B 231 -3.61 -24.23 4.23
N ILE B 232 -4.02 -23.03 3.82
CA ILE B 232 -4.58 -22.80 2.49
C ILE B 232 -3.40 -22.32 1.63
N VAL B 233 -3.00 -23.13 0.66
CA VAL B 233 -1.88 -22.76 -0.20
C VAL B 233 -2.33 -22.24 -1.56
N ILE B 234 -1.89 -21.02 -1.87
CA ILE B 234 -2.22 -20.34 -3.12
C ILE B 234 -0.92 -20.08 -3.86
N ASP B 235 -0.78 -20.73 -5.02
CA ASP B 235 0.43 -20.63 -5.81
C ASP B 235 0.23 -19.85 -7.11
N CYS B 236 0.84 -18.67 -7.17
CA CYS B 236 0.74 -17.80 -8.34
C CYS B 236 1.80 -18.06 -9.39
N GLY B 237 2.74 -18.94 -9.07
CA GLY B 237 3.82 -19.24 -9.99
C GLY B 237 3.54 -19.92 -11.31
N ILE B 238 4.22 -19.45 -12.34
CA ILE B 238 4.12 -20.01 -13.67
C ILE B 238 5.54 -20.12 -14.21
N ASN B 239 6.11 -21.30 -13.98
CA ASN B 239 7.48 -21.66 -14.36
C ASN B 239 7.48 -22.81 -15.35
N TYR B 240 8.11 -22.59 -16.50
CA TYR B 240 8.19 -23.60 -17.54
C TYR B 240 9.41 -24.53 -17.45
N VAL B 241 9.18 -25.83 -17.63
CA VAL B 241 10.25 -26.84 -17.56
C VAL B 241 10.10 -27.85 -18.71
N PRO B 242 11.19 -28.14 -19.44
CA PRO B 242 11.17 -29.10 -20.54
C PRO B 242 10.74 -30.47 -20.05
N ASP B 243 9.74 -31.03 -20.72
CA ASP B 243 9.19 -32.33 -20.35
C ASP B 243 8.66 -32.93 -21.63
N ASP B 244 9.41 -33.88 -22.21
CA ASP B 244 9.00 -34.51 -23.45
C ASP B 244 7.73 -35.36 -23.37
N LYS B 245 7.32 -35.68 -22.14
CA LYS B 245 6.12 -36.49 -21.94
C LYS B 245 4.84 -35.67 -22.05
N LYS B 246 5.00 -34.35 -22.18
CA LYS B 246 3.87 -33.43 -22.31
C LYS B 246 3.62 -33.15 -23.79
N PRO B 247 2.34 -32.98 -24.18
CA PRO B 247 1.96 -32.72 -25.58
C PRO B 247 2.80 -31.64 -26.30
N ASN B 248 3.04 -30.52 -25.62
CA ASN B 248 3.84 -29.45 -26.21
C ASN B 248 5.30 -29.41 -25.73
N GLY B 249 5.78 -30.54 -25.21
CA GLY B 249 7.15 -30.66 -24.75
C GLY B 249 7.59 -29.84 -23.56
N ARG B 250 6.64 -29.40 -22.74
CA ARG B 250 6.97 -28.61 -21.56
C ARG B 250 5.88 -28.67 -20.48
N LYS B 251 6.32 -28.61 -19.23
CA LYS B 251 5.37 -28.63 -18.11
C LYS B 251 5.42 -27.29 -17.39
N VAL B 252 4.37 -27.01 -16.63
CA VAL B 252 4.27 -25.78 -15.86
C VAL B 252 4.22 -26.17 -14.39
N VAL B 253 5.17 -25.63 -13.62
CA VAL B 253 5.22 -25.89 -12.19
C VAL B 253 5.08 -24.55 -11.47
N GLY B 254 4.53 -24.58 -10.25
CA GLY B 254 4.37 -23.33 -9.51
C GLY B 254 5.61 -22.95 -8.72
N ASP B 255 5.39 -22.17 -7.66
CA ASP B 255 6.47 -21.74 -6.80
C ASP B 255 6.48 -22.60 -5.55
N VAL B 256 5.54 -23.53 -5.48
CA VAL B 256 5.40 -24.44 -4.34
C VAL B 256 5.57 -25.87 -4.85
N ALA B 257 6.17 -26.73 -4.02
CA ALA B 257 6.37 -28.14 -4.38
C ALA B 257 5.03 -28.81 -4.14
N TYR B 258 4.15 -28.69 -5.13
CA TYR B 258 2.79 -29.23 -5.10
C TYR B 258 2.61 -30.64 -4.53
N ASP B 259 3.28 -31.64 -5.11
CA ASP B 259 3.15 -33.01 -4.64
C ASP B 259 3.33 -33.25 -3.14
N GLU B 260 4.26 -32.54 -2.50
CA GLU B 260 4.46 -32.71 -1.07
C GLU B 260 3.63 -31.72 -0.26
N ALA B 261 3.30 -30.58 -0.86
CA ALA B 261 2.48 -29.55 -0.22
C ALA B 261 1.00 -29.97 -0.13
N LYS B 262 0.53 -30.71 -1.13
CA LYS B 262 -0.87 -31.18 -1.15
C LYS B 262 -1.15 -32.17 -0.02
N GLU B 263 -0.10 -32.80 0.52
CA GLU B 263 -0.29 -33.75 1.60
C GLU B 263 -0.45 -33.02 2.94
N ARG B 264 0.00 -31.77 3.00
CA ARG B 264 -0.06 -30.96 4.24
C ARG B 264 -1.25 -29.99 4.29
N ALA B 265 -1.49 -29.29 3.20
CA ALA B 265 -2.57 -28.31 3.10
C ALA B 265 -3.97 -28.89 3.12
N SER B 266 -4.93 -28.05 3.49
CA SER B 266 -6.33 -28.44 3.54
C SER B 266 -6.92 -28.02 2.21
N PHE B 267 -6.30 -27.00 1.59
CA PHE B 267 -6.72 -26.47 0.29
C PHE B 267 -5.48 -25.98 -0.45
N ILE B 268 -5.37 -26.35 -1.72
CA ILE B 268 -4.24 -25.94 -2.54
C ILE B 268 -4.63 -25.71 -4.00
N THR B 269 -3.99 -24.72 -4.61
CA THR B 269 -4.22 -24.40 -6.02
C THR B 269 -3.20 -25.13 -6.90
N PRO B 270 -3.68 -25.96 -7.85
CA PRO B 270 -2.75 -26.67 -8.72
C PRO B 270 -2.15 -25.74 -9.76
N VAL B 271 -1.08 -26.22 -10.39
CA VAL B 271 -0.38 -25.47 -11.41
C VAL B 271 0.01 -26.45 -12.52
N PRO B 272 -0.55 -26.28 -13.73
CA PRO B 272 -1.52 -25.23 -14.12
C PRO B 272 -2.94 -25.53 -13.65
N GLY B 273 -3.84 -24.56 -13.83
CA GLY B 273 -5.23 -24.73 -13.43
C GLY B 273 -5.65 -24.14 -12.10
N GLY B 274 -4.81 -23.29 -11.51
CA GLY B 274 -5.12 -22.69 -10.24
C GLY B 274 -5.44 -21.21 -10.35
N VAL B 275 -4.45 -20.37 -10.02
CA VAL B 275 -4.62 -18.92 -10.07
C VAL B 275 -4.71 -18.39 -11.49
N GLY B 276 -3.97 -19.01 -12.41
CA GLY B 276 -3.96 -18.59 -13.80
C GLY B 276 -5.29 -18.41 -14.50
N PRO B 277 -6.20 -19.41 -14.47
CA PRO B 277 -7.50 -19.28 -15.13
C PRO B 277 -8.42 -18.22 -14.52
N MET B 278 -8.09 -17.79 -13.31
CA MET B 278 -8.87 -16.78 -12.59
C MET B 278 -8.66 -15.36 -13.13
N THR B 279 -7.46 -15.14 -13.64
CA THR B 279 -7.00 -13.87 -14.19
C THR B 279 -7.94 -13.06 -15.07
N VAL B 280 -8.35 -13.61 -16.21
CA VAL B 280 -9.22 -12.86 -17.12
C VAL B 280 -10.58 -12.56 -16.53
N ALA B 281 -11.10 -13.47 -15.71
CA ALA B 281 -12.40 -13.26 -15.08
C ALA B 281 -12.35 -12.06 -14.14
N MET B 282 -11.23 -11.92 -13.42
CA MET B 282 -11.04 -10.81 -12.49
C MET B 282 -11.06 -9.47 -13.20
N LEU B 283 -10.47 -9.42 -14.39
CA LEU B 283 -10.45 -8.19 -15.16
C LEU B 283 -11.88 -7.88 -15.56
N MET B 284 -12.60 -8.93 -15.96
CA MET B 284 -14.00 -8.77 -16.36
C MET B 284 -14.84 -8.35 -15.15
N GLN B 285 -14.47 -8.86 -13.98
CA GLN B 285 -15.18 -8.51 -12.76
C GLN B 285 -14.93 -7.04 -12.41
N SER B 286 -13.68 -6.59 -12.58
CA SER B 286 -13.30 -5.21 -12.30
C SER B 286 -14.02 -4.27 -13.25
N THR B 287 -14.16 -4.70 -14.49
CA THR B 287 -14.82 -3.94 -15.55
C THR B 287 -16.32 -3.70 -15.25
N VAL B 288 -17.00 -4.75 -14.78
CA VAL B 288 -18.43 -4.65 -14.43
C VAL B 288 -18.60 -3.78 -13.18
N GLU B 289 -17.67 -3.90 -12.24
CA GLU B 289 -17.67 -3.10 -11.00
C GLU B 289 -17.59 -1.63 -11.38
N SER B 290 -16.71 -1.33 -12.32
CA SER B 290 -16.52 0.02 -12.80
C SER B 290 -17.80 0.55 -13.45
N ALA B 291 -18.40 -0.26 -14.33
CA ALA B 291 -19.63 0.08 -15.04
C ALA B 291 -20.79 0.37 -14.07
N LYS B 292 -20.93 -0.46 -13.03
CA LYS B 292 -21.98 -0.29 -12.04
C LYS B 292 -21.78 0.98 -11.25
N ARG B 293 -20.53 1.33 -10.98
CA ARG B 293 -20.23 2.54 -10.23
C ARG B 293 -20.52 3.76 -11.09
N PHE B 294 -20.28 3.65 -12.39
CA PHE B 294 -20.55 4.75 -13.29
C PHE B 294 -22.07 4.87 -13.37
N LEU B 295 -22.73 3.73 -13.56
CA LEU B 295 -24.18 3.66 -13.68
C LEU B 295 -24.91 4.26 -12.48
N GLU B 296 -24.33 4.10 -11.29
CA GLU B 296 -24.94 4.66 -10.08
C GLU B 296 -24.62 6.16 -9.99
#